data_2ZXM
#
_entry.id   2ZXM
#
_cell.length_a   153.252
_cell.length_b   43.424
_cell.length_c   42.369
_cell.angle_alpha   90.00
_cell.angle_beta   95.97
_cell.angle_gamma   90.00
#
_symmetry.space_group_name_H-M   'C 1 2 1'
#
loop_
_entity.id
_entity.type
_entity.pdbx_description
1 polymer 'Vitamin D3 receptor'
2 polymer 'Mediator of RNA polymerase II transcription subunit 1'
3 non-polymer (1R,3S,5Z)-5-[(2E)-2-[(1R,3aS,7aR)-1-[(2R,3S)-3-(2-hydroxyethyl)heptan-2-yl]-7a-methyl-2,3,3a,5,6,7-hexahydro-1H-inden-4-ylidene]ethylidene]-4-methylidene-cyclohexane-1,3-diol
4 water water
#
loop_
_entity_poly.entity_id
_entity_poly.type
_entity_poly.pdbx_seq_one_letter_code
_entity_poly.pdbx_strand_id
1 'polypeptide(L)'
;GSHMGSPNSPLKDSLRPKLSEEQQHIIAILLDAHHKTYDPTYADFRDFRPPVRMDGSTGSVTLDLSPLSMLPHLADLVSY
SIQKVIGFAKMIPGFRDLTSDDQIVLLKSSAIEVIMLRSNQSFTMDDMSWDCGSQDYKYDVTDVSKAGHTLELIEPLIKF
QVGLKKLNLHEEEHVLLMAICIVSPDRPGVQDAKLVEAIQDRLSNTLQTYIRCRHPPPGSHQLYAKMIQKLADLRSLNEE
HSKQYRSLSFQPENSMKLTPLVLEVFGNEIS
;
A
2 'polypeptide(L)' KNHPMLMNLLKDN C
#
loop_
_chem_comp.id
_chem_comp.type
_chem_comp.name
_chem_comp.formula
JB1 non-polymer (1R,3S,5Z)-5-[(2E)-2-[(1R,3aS,7aR)-1-[(2R,3S)-3-(2-hydroxyethyl)heptan-2-yl]-7a-methyl-2,3,3a,5,6,7-hexahydro-1H-inden-4-ylidene]ethylidene]-4-methylidene-cyclohexane-1,3-diol 'C28 H46 O3'
#
# COMPACT_ATOMS: atom_id res chain seq x y z
N LYS A 18 -22.87 13.38 13.10
CA LYS A 18 -22.76 14.37 12.00
C LYS A 18 -22.43 13.69 10.68
N LEU A 19 -22.24 12.37 10.73
CA LEU A 19 -21.99 11.59 9.52
C LEU A 19 -23.29 11.37 8.76
N SER A 20 -23.24 11.53 7.45
CA SER A 20 -24.37 11.24 6.59
C SER A 20 -24.42 9.74 6.32
N GLU A 21 -25.43 9.28 5.60
CA GLU A 21 -25.54 7.88 5.26
C GLU A 21 -24.59 7.50 4.13
N GLU A 22 -24.29 8.47 3.26
CA GLU A 22 -23.36 8.23 2.16
C GLU A 22 -21.97 7.97 2.71
N GLN A 23 -21.60 8.72 3.74
CA GLN A 23 -20.30 8.55 4.39
C GLN A 23 -20.28 7.25 5.18
N GLN A 24 -21.36 6.98 5.91
CA GLN A 24 -21.53 5.70 6.57
C GLN A 24 -21.39 4.59 5.54
N HIS A 25 -21.89 4.85 4.34
CA HIS A 25 -21.82 3.90 3.25
C HIS A 25 -20.37 3.69 2.82
N ILE A 26 -19.64 4.80 2.66
CA ILE A 26 -18.24 4.75 2.25
C ILE A 26 -17.42 3.94 3.24
N ILE A 27 -17.74 4.08 4.52
CA ILE A 27 -17.05 3.35 5.57
C ILE A 27 -17.34 1.85 5.45
N ALA A 28 -18.61 1.52 5.26
CA ALA A 28 -19.02 0.12 5.14
C ALA A 28 -18.35 -0.52 3.92
N ILE A 29 -18.28 0.23 2.83
CA ILE A 29 -17.70 -0.28 1.58
C ILE A 29 -16.23 -0.64 1.77
N LEU A 30 -15.44 0.35 2.19
CA LEU A 30 -13.99 0.21 2.23
C LEU A 30 -13.54 -0.81 3.27
N LEU A 31 -14.29 -0.91 4.36
CA LEU A 31 -14.00 -1.90 5.39
C LEU A 31 -14.17 -3.30 4.80
N ASP A 32 -15.33 -3.55 4.20
CA ASP A 32 -15.61 -4.84 3.58
C ASP A 32 -14.60 -5.08 2.45
N ALA A 33 -14.37 -4.05 1.65
CA ALA A 33 -13.44 -4.13 0.51
C ALA A 33 -12.06 -4.54 1.00
N HIS A 34 -11.69 -4.07 2.18
CA HIS A 34 -10.39 -4.43 2.76
C HIS A 34 -10.40 -5.86 3.24
N HIS A 35 -11.45 -6.24 3.97
CA HIS A 35 -11.56 -7.58 4.52
C HIS A 35 -11.52 -8.62 3.41
N LYS A 36 -11.96 -8.24 2.21
CA LYS A 36 -11.94 -9.13 1.06
C LYS A 36 -10.53 -9.21 0.48
N THR A 37 -9.73 -8.18 0.71
CA THR A 37 -8.40 -8.08 0.12
C THR A 37 -7.27 -8.29 1.11
N TYR A 38 -7.60 -8.40 2.39
CA TYR A 38 -6.58 -8.65 3.41
C TYR A 38 -6.92 -9.88 4.25
N ASP A 39 -5.96 -10.79 4.37
CA ASP A 39 -6.14 -12.01 5.15
C ASP A 39 -5.31 -11.97 6.42
N PRO A 40 -5.97 -11.84 7.58
CA PRO A 40 -5.28 -11.78 8.87
C PRO A 40 -4.61 -13.09 9.29
N THR A 41 -4.92 -14.17 8.56
CA THR A 41 -4.27 -15.45 8.81
C THR A 41 -3.03 -15.61 7.94
N TYR A 42 -3.01 -14.88 6.83
CA TYR A 42 -1.87 -14.89 5.93
C TYR A 42 -1.63 -16.30 5.38
N ALA A 43 -2.70 -17.07 5.23
CA ALA A 43 -2.59 -18.46 4.80
C ALA A 43 -1.98 -18.57 3.41
N ASP A 44 -2.24 -17.59 2.56
CA ASP A 44 -1.74 -17.59 1.19
C ASP A 44 -0.21 -17.55 1.14
N PHE A 45 0.40 -17.03 2.20
CA PHE A 45 1.85 -16.89 2.25
C PHE A 45 2.56 -18.22 2.01
N ARG A 46 1.80 -19.31 2.10
CA ARG A 46 2.37 -20.65 1.96
C ARG A 46 2.50 -21.05 0.49
N ASP A 47 1.92 -20.24 -0.39
CA ASP A 47 2.01 -20.49 -1.82
C ASP A 47 3.26 -19.86 -2.42
N PHE A 48 3.79 -18.85 -1.74
CA PHE A 48 4.98 -18.14 -2.24
C PHE A 48 6.18 -19.06 -2.29
N ARG A 49 7.16 -18.70 -3.12
CA ARG A 49 8.43 -19.40 -3.14
C ARG A 49 9.02 -19.37 -1.72
N PRO A 50 9.53 -20.50 -1.25
CA PRO A 50 10.12 -20.60 0.10
C PRO A 50 11.21 -19.57 0.40
N PRO A 51 11.12 -18.91 1.56
CA PRO A 51 12.10 -17.90 1.99
C PRO A 51 13.38 -18.53 2.51
N VAL A 52 14.52 -17.92 2.20
CA VAL A 52 15.80 -18.44 2.62
C VAL A 52 16.60 -17.42 3.42
N ARG A 53 16.89 -17.75 4.67
CA ARG A 53 17.71 -16.91 5.53
C ARG A 53 18.96 -17.67 5.97
N MET A 54 20.11 -17.25 5.44
CA MET A 54 21.36 -17.94 5.72
C MET A 54 22.13 -17.26 6.86
N SER A 66 24.49 -15.28 1.81
CA SER A 66 23.06 -15.22 1.41
C SER A 66 22.74 -13.95 0.61
N PRO A 67 23.29 -13.86 -0.63
CA PRO A 67 23.05 -12.69 -1.47
C PRO A 67 21.64 -12.70 -2.07
N LEU A 68 20.77 -11.83 -1.56
CA LEU A 68 19.42 -11.69 -2.09
C LEU A 68 18.62 -12.98 -1.89
N SER A 69 18.97 -13.75 -0.87
CA SER A 69 18.33 -15.04 -0.62
C SER A 69 16.87 -14.88 -0.22
N MET A 70 16.39 -13.63 -0.18
CA MET A 70 15.00 -13.38 0.18
C MET A 70 14.22 -12.69 -0.94
N LEU A 71 14.91 -12.28 -1.99
CA LEU A 71 14.24 -11.64 -3.12
C LEU A 71 13.14 -12.52 -3.71
N PRO A 72 13.41 -13.83 -3.88
CA PRO A 72 12.38 -14.72 -4.44
C PRO A 72 11.08 -14.71 -3.63
N HIS A 73 11.21 -14.84 -2.32
CA HIS A 73 10.03 -14.95 -1.46
C HIS A 73 9.26 -13.63 -1.34
N LEU A 74 10.00 -12.55 -1.08
CA LEU A 74 9.38 -11.25 -0.87
C LEU A 74 8.85 -10.68 -2.18
N ALA A 75 9.48 -11.05 -3.29
CA ALA A 75 9.01 -10.62 -4.60
C ALA A 75 7.60 -11.15 -4.85
N ASP A 76 7.31 -12.32 -4.28
CA ASP A 76 6.00 -12.93 -4.40
C ASP A 76 5.01 -12.30 -3.45
N LEU A 77 5.49 -11.90 -2.27
CA LEU A 77 4.63 -11.25 -1.29
C LEU A 77 4.16 -9.91 -1.85
N VAL A 78 5.07 -9.19 -2.48
CA VAL A 78 4.75 -7.90 -3.08
C VAL A 78 3.73 -8.08 -4.20
N SER A 79 4.05 -8.98 -5.14
CA SER A 79 3.17 -9.23 -6.29
C SER A 79 1.80 -9.71 -5.85
N TYR A 80 1.77 -10.51 -4.79
CA TYR A 80 0.52 -10.94 -4.18
C TYR A 80 -0.25 -9.73 -3.67
N SER A 81 0.47 -8.84 -2.99
CA SER A 81 -0.14 -7.64 -2.41
C SER A 81 -0.67 -6.73 -3.51
N ILE A 82 0.10 -6.58 -4.59
CA ILE A 82 -0.30 -5.73 -5.68
C ILE A 82 -1.67 -6.16 -6.22
N GLN A 83 -1.87 -7.47 -6.32
CA GLN A 83 -3.16 -8.00 -6.76
C GLN A 83 -4.25 -7.59 -5.80
N LYS A 84 -3.96 -7.66 -4.50
CA LYS A 84 -4.95 -7.37 -3.47
C LYS A 84 -5.23 -5.88 -3.34
N VAL A 85 -4.26 -5.05 -3.74
CA VAL A 85 -4.44 -3.60 -3.74
C VAL A 85 -5.32 -3.19 -4.92
N ILE A 86 -5.23 -3.95 -6.01
CA ILE A 86 -6.06 -3.70 -7.18
C ILE A 86 -7.52 -4.04 -6.87
N GLY A 87 -7.74 -5.16 -6.19
CA GLY A 87 -9.09 -5.55 -5.84
C GLY A 87 -9.73 -4.58 -4.86
N PHE A 88 -8.92 -4.03 -3.96
CA PHE A 88 -9.39 -3.04 -3.01
C PHE A 88 -9.69 -1.73 -3.73
N ALA A 89 -8.85 -1.42 -4.72
CA ALA A 89 -9.02 -0.19 -5.49
C ALA A 89 -10.34 -0.21 -6.25
N LYS A 90 -10.66 -1.36 -6.83
CA LYS A 90 -11.87 -1.48 -7.65
C LYS A 90 -13.12 -1.20 -6.82
N MET A 91 -13.08 -1.54 -5.55
CA MET A 91 -14.23 -1.37 -4.67
C MET A 91 -14.27 0.02 -4.04
N ILE A 92 -13.31 0.86 -4.42
CA ILE A 92 -13.30 2.25 -3.97
C ILE A 92 -14.49 2.98 -4.58
N PRO A 93 -15.40 3.48 -3.72
CA PRO A 93 -16.59 4.20 -4.21
C PRO A 93 -16.25 5.30 -5.21
N GLY A 94 -16.66 5.10 -6.46
CA GLY A 94 -16.44 6.10 -7.49
C GLY A 94 -15.21 5.83 -8.32
N PHE A 95 -14.38 4.89 -7.89
CA PHE A 95 -13.15 4.56 -8.60
C PHE A 95 -13.46 3.97 -9.97
N ARG A 96 -14.60 3.29 -10.07
CA ARG A 96 -15.01 2.67 -11.32
C ARG A 96 -15.33 3.72 -12.39
N ASP A 97 -15.78 4.88 -11.95
CA ASP A 97 -16.16 5.95 -12.86
C ASP A 97 -14.96 6.51 -13.62
N LEU A 98 -13.77 6.28 -13.08
CA LEU A 98 -12.54 6.76 -13.71
C LEU A 98 -12.32 6.07 -15.06
N THR A 99 -11.62 6.74 -15.96
CA THR A 99 -11.26 6.15 -17.24
C THR A 99 -10.21 5.06 -17.04
N SER A 100 -10.28 4.02 -17.86
CA SER A 100 -9.40 2.88 -17.73
C SER A 100 -7.94 3.31 -17.59
N ASP A 101 -7.56 4.36 -18.31
CA ASP A 101 -6.18 4.84 -18.31
C ASP A 101 -5.77 5.39 -16.95
N ASP A 102 -6.59 6.27 -16.39
CA ASP A 102 -6.29 6.87 -15.10
C ASP A 102 -6.15 5.79 -14.03
N GLN A 103 -7.03 4.80 -14.07
CA GLN A 103 -6.98 3.69 -13.14
C GLN A 103 -5.63 2.98 -13.24
N ILE A 104 -5.09 2.94 -14.45
CA ILE A 104 -3.77 2.34 -14.67
C ILE A 104 -2.70 3.23 -14.03
N VAL A 105 -2.90 4.54 -14.09
CA VAL A 105 -1.91 5.48 -13.61
C VAL A 105 -1.87 5.51 -12.09
N LEU A 106 -3.03 5.59 -11.46
CA LEU A 106 -3.11 5.72 -10.01
C LEU A 106 -2.50 4.51 -9.32
N LEU A 107 -2.94 3.32 -9.70
CA LEU A 107 -2.47 2.10 -9.05
C LEU A 107 -0.99 1.83 -9.32
N LYS A 108 -0.52 2.23 -10.50
CA LYS A 108 0.86 2.01 -10.87
C LYS A 108 1.78 2.84 -9.99
N SER A 109 1.23 3.92 -9.46
CA SER A 109 2.00 4.86 -8.65
C SER A 109 1.69 4.72 -7.16
N SER A 110 0.51 4.21 -6.84
CA SER A 110 0.10 4.06 -5.45
C SER A 110 0.43 2.68 -4.91
N ALA A 111 0.52 1.70 -5.81
CA ALA A 111 0.70 0.31 -5.42
C ALA A 111 1.70 0.15 -4.28
N ILE A 112 2.88 0.74 -4.44
CA ILE A 112 3.95 0.59 -3.47
C ILE A 112 3.61 1.30 -2.16
N GLU A 113 3.02 2.49 -2.25
CA GLU A 113 2.65 3.25 -1.07
C GLU A 113 1.54 2.54 -0.31
N VAL A 114 0.61 1.94 -1.05
CA VAL A 114 -0.51 1.22 -0.45
C VAL A 114 0.00 -0.03 0.26
N ILE A 115 0.99 -0.70 -0.35
CA ILE A 115 1.63 -1.84 0.27
C ILE A 115 2.24 -1.44 1.60
N MET A 116 3.09 -0.42 1.59
CA MET A 116 3.73 0.05 2.80
C MET A 116 2.69 0.42 3.87
N LEU A 117 1.51 0.86 3.43
CA LEU A 117 0.45 1.23 4.34
C LEU A 117 -0.20 -0.02 4.93
N ARG A 118 -0.68 -0.90 4.07
CA ARG A 118 -1.37 -2.11 4.50
C ARG A 118 -0.45 -3.04 5.26
N SER A 119 0.86 -2.81 5.11
CA SER A 119 1.85 -3.62 5.81
C SER A 119 1.88 -3.28 7.29
N ASN A 120 1.63 -2.01 7.60
CA ASN A 120 1.62 -1.53 8.98
C ASN A 120 0.74 -2.41 9.85
N GLN A 121 -0.33 -2.93 9.25
CA GLN A 121 -1.30 -3.73 9.98
C GLN A 121 -0.66 -4.97 10.60
N SER A 122 0.43 -5.43 10.01
CA SER A 122 1.14 -6.61 10.52
C SER A 122 2.47 -6.21 11.15
N PHE A 123 2.75 -4.91 11.18
CA PHE A 123 4.00 -4.42 11.74
C PHE A 123 3.89 -4.27 13.25
N THR A 124 4.93 -4.71 13.95
CA THR A 124 4.93 -4.65 15.41
C THR A 124 6.11 -3.84 15.94
N MET A 125 5.89 -3.11 17.02
CA MET A 125 6.93 -2.29 17.61
C MET A 125 7.72 -3.05 18.68
N ASP A 126 7.29 -4.27 18.97
CA ASP A 126 7.94 -5.10 19.96
C ASP A 126 9.38 -5.40 19.54
N ASP A 127 9.59 -5.64 18.26
CA ASP A 127 10.90 -5.97 17.73
C ASP A 127 11.14 -5.31 16.37
N MET A 128 10.21 -4.47 15.96
CA MET A 128 10.35 -3.69 14.72
C MET A 128 10.36 -4.60 13.49
N SER A 129 9.42 -5.54 13.45
CA SER A 129 9.33 -6.48 12.33
C SER A 129 7.88 -6.69 11.91
N TRP A 130 7.68 -7.10 10.66
CA TRP A 130 6.35 -7.48 10.19
C TRP A 130 6.05 -8.92 10.60
N ASP A 131 5.08 -9.09 11.50
CA ASP A 131 4.73 -10.41 12.00
C ASP A 131 3.43 -10.90 11.38
N CYS A 132 3.54 -11.95 10.56
CA CYS A 132 2.37 -12.51 9.88
C CYS A 132 2.14 -13.95 10.35
N GLY A 133 1.96 -14.12 11.65
CA GLY A 133 1.74 -15.44 12.20
C GLY A 133 3.02 -16.13 12.61
N SER A 134 3.32 -17.26 11.99
CA SER A 134 4.50 -18.04 12.32
C SER A 134 5.78 -17.23 12.12
N GLN A 135 6.82 -17.58 12.88
CA GLN A 135 8.11 -16.92 12.76
C GLN A 135 8.66 -17.08 11.35
N ASP A 136 8.19 -18.11 10.66
CA ASP A 136 8.62 -18.39 9.29
C ASP A 136 8.29 -17.22 8.39
N TYR A 137 7.08 -16.69 8.54
CA TYR A 137 6.65 -15.52 7.77
C TYR A 137 6.71 -14.27 8.63
N LYS A 138 7.80 -14.12 9.37
CA LYS A 138 8.05 -12.90 10.15
C LYS A 138 9.27 -12.20 9.58
N TYR A 139 9.08 -10.98 9.10
CA TYR A 139 10.11 -10.28 8.35
C TYR A 139 10.69 -9.10 9.12
N ASP A 140 12.01 -9.04 9.20
CA ASP A 140 12.68 -7.96 9.91
C ASP A 140 13.70 -7.25 9.01
N VAL A 141 14.46 -6.34 9.60
CA VAL A 141 15.37 -5.48 8.86
C VAL A 141 16.32 -6.27 7.97
N THR A 142 16.85 -7.37 8.50
CA THR A 142 17.86 -8.16 7.79
C THR A 142 17.26 -8.92 6.62
N ASP A 143 15.95 -9.15 6.67
CA ASP A 143 15.26 -9.84 5.59
C ASP A 143 15.03 -8.88 4.42
N VAL A 144 14.71 -7.64 4.73
CA VAL A 144 14.50 -6.61 3.71
C VAL A 144 15.83 -6.20 3.10
N SER A 145 16.88 -6.20 3.92
CA SER A 145 18.22 -5.89 3.45
C SER A 145 18.77 -7.06 2.63
N LYS A 146 18.26 -8.24 2.91
CA LYS A 146 18.70 -9.45 2.23
C LYS A 146 17.86 -9.67 0.97
N ALA A 147 17.04 -8.68 0.63
CA ALA A 147 16.21 -8.74 -0.56
C ALA A 147 16.76 -7.84 -1.65
N GLY A 148 17.83 -7.10 -1.33
CA GLY A 148 18.46 -6.25 -2.32
C GLY A 148 18.22 -4.77 -2.08
N HIS A 149 17.84 -4.42 -0.86
CA HIS A 149 17.64 -3.03 -0.50
C HIS A 149 18.54 -2.61 0.66
N THR A 150 19.22 -1.49 0.49
CA THR A 150 20.13 -0.98 1.52
C THR A 150 19.33 -0.38 2.68
N LEU A 151 20.03 0.01 3.73
CA LEU A 151 19.39 0.59 4.91
C LEU A 151 18.94 2.02 4.63
N GLU A 152 19.41 2.59 3.53
CA GLU A 152 19.07 3.97 3.17
C GLU A 152 17.58 4.12 2.96
N LEU A 153 16.93 3.06 2.49
CA LEU A 153 15.50 3.10 2.24
C LEU A 153 14.73 2.32 3.31
N ILE A 154 15.41 1.36 3.92
CA ILE A 154 14.81 0.56 4.99
C ILE A 154 14.59 1.41 6.24
N GLU A 155 15.57 2.26 6.54
CA GLU A 155 15.52 3.08 7.73
C GLU A 155 14.31 4.01 7.74
N PRO A 156 14.11 4.78 6.66
CA PRO A 156 12.96 5.69 6.60
C PRO A 156 11.64 4.91 6.52
N LEU A 157 11.72 3.67 6.02
CA LEU A 157 10.54 2.81 5.92
C LEU A 157 10.09 2.38 7.31
N ILE A 158 11.01 1.90 8.12
CA ILE A 158 10.69 1.44 9.46
C ILE A 158 10.22 2.60 10.32
N LYS A 159 10.89 3.75 10.17
CA LYS A 159 10.48 4.97 10.85
C LYS A 159 9.02 5.25 10.53
N PHE A 160 8.69 5.22 9.23
CA PHE A 160 7.32 5.43 8.77
C PHE A 160 6.38 4.41 9.42
N GLN A 161 6.85 3.17 9.55
CA GLN A 161 6.03 2.10 10.10
C GLN A 161 5.72 2.34 11.58
N VAL A 162 6.68 2.93 12.28
CA VAL A 162 6.51 3.23 13.70
C VAL A 162 5.59 4.42 13.89
N GLY A 163 5.83 5.48 13.12
CA GLY A 163 5.03 6.68 13.26
C GLY A 163 3.58 6.47 12.88
N LEU A 164 3.35 5.59 11.91
CA LEU A 164 1.99 5.27 11.48
C LEU A 164 1.32 4.38 12.51
N LYS A 165 2.13 3.58 13.21
CA LYS A 165 1.61 2.70 14.25
C LYS A 165 1.25 3.50 15.49
N LYS A 166 2.04 4.54 15.77
CA LYS A 166 1.82 5.39 16.93
C LYS A 166 0.43 6.02 16.85
N LEU A 167 0.00 6.36 15.64
CA LEU A 167 -1.29 7.01 15.42
C LEU A 167 -2.44 6.18 16.00
N ASN A 168 -2.27 4.86 15.94
CA ASN A 168 -3.30 3.94 16.43
C ASN A 168 -4.62 4.19 15.71
N LEU A 169 -4.55 4.42 14.41
CA LEU A 169 -5.73 4.70 13.61
C LEU A 169 -6.76 3.59 13.75
N HIS A 170 -8.03 3.97 13.73
CA HIS A 170 -9.11 3.00 13.67
C HIS A 170 -9.08 2.31 12.31
N GLU A 171 -9.71 1.16 12.20
CA GLU A 171 -9.75 0.44 10.93
C GLU A 171 -10.46 1.28 9.88
N GLU A 172 -11.49 2.01 10.32
CA GLU A 172 -12.23 2.90 9.43
C GLU A 172 -11.30 3.98 8.90
N GLU A 173 -10.40 4.46 9.75
CA GLU A 173 -9.45 5.50 9.37
C GLU A 173 -8.36 4.90 8.48
N HIS A 174 -7.95 3.68 8.81
CA HIS A 174 -6.90 3.00 8.07
C HIS A 174 -7.32 2.76 6.62
N VAL A 175 -8.56 2.32 6.43
CA VAL A 175 -9.06 1.98 5.11
C VAL A 175 -9.27 3.22 4.24
N LEU A 176 -9.61 4.33 4.87
CA LEU A 176 -9.82 5.58 4.13
C LEU A 176 -8.50 6.12 3.61
N LEU A 177 -7.48 6.15 4.47
CA LEU A 177 -6.17 6.67 4.09
C LEU A 177 -5.64 5.93 2.86
N MET A 178 -5.82 4.61 2.83
CA MET A 178 -5.36 3.80 1.70
C MET A 178 -6.06 4.21 0.41
N ALA A 179 -7.37 4.44 0.49
CA ALA A 179 -8.14 4.85 -0.67
C ALA A 179 -7.70 6.22 -1.15
N ILE A 180 -7.66 7.17 -0.22
CA ILE A 180 -7.24 8.53 -0.53
C ILE A 180 -5.85 8.51 -1.18
N CYS A 181 -5.03 7.54 -0.78
CA CYS A 181 -3.69 7.40 -1.34
C CYS A 181 -3.77 6.93 -2.79
N ILE A 182 -4.82 6.17 -3.10
CA ILE A 182 -5.00 5.63 -4.43
C ILE A 182 -5.43 6.73 -5.41
N VAL A 183 -6.56 7.36 -5.13
CA VAL A 183 -7.09 8.41 -5.99
C VAL A 183 -6.50 9.77 -5.66
N SER A 184 -5.26 9.99 -6.09
CA SER A 184 -4.63 11.30 -5.95
C SER A 184 -4.51 11.97 -7.31
N PRO A 185 -5.02 13.21 -7.43
CA PRO A 185 -4.98 13.96 -8.68
C PRO A 185 -3.57 14.22 -9.20
N ASP A 186 -2.64 14.47 -8.29
CA ASP A 186 -1.31 14.93 -8.68
C ASP A 186 -0.40 13.81 -9.18
N ARG A 187 -0.90 12.59 -9.20
CA ARG A 187 -0.15 11.47 -9.74
C ARG A 187 0.26 11.79 -11.17
N PRO A 188 1.55 11.59 -11.51
CA PRO A 188 2.03 11.88 -12.86
C PRO A 188 1.38 11.01 -13.93
N GLY A 189 0.71 11.64 -14.88
CA GLY A 189 0.06 10.90 -15.94
C GLY A 189 -1.45 11.03 -15.89
N VAL A 190 -1.97 11.57 -14.80
CA VAL A 190 -3.41 11.74 -14.63
C VAL A 190 -3.95 12.79 -15.60
N GLN A 191 -5.07 12.46 -16.25
CA GLN A 191 -5.70 13.38 -17.19
C GLN A 191 -6.96 13.99 -16.59
N ASP A 192 -7.80 13.14 -16.00
CA ASP A 192 -9.05 13.59 -15.42
C ASP A 192 -8.85 13.89 -13.94
N ALA A 193 -7.85 14.72 -13.64
CA ALA A 193 -7.48 15.01 -12.26
C ALA A 193 -8.63 15.59 -11.45
N LYS A 194 -9.49 16.36 -12.11
CA LYS A 194 -10.63 16.97 -11.43
C LYS A 194 -11.59 15.93 -10.88
N LEU A 195 -11.86 14.90 -11.68
CA LEU A 195 -12.77 13.84 -11.25
C LEU A 195 -12.07 12.94 -10.24
N VAL A 196 -10.77 12.75 -10.43
CA VAL A 196 -9.96 12.02 -9.46
C VAL A 196 -9.97 12.80 -8.14
N GLU A 197 -9.98 14.12 -8.25
CA GLU A 197 -9.97 14.99 -7.08
C GLU A 197 -11.32 15.00 -6.39
N ALA A 198 -12.38 14.99 -7.18
CA ALA A 198 -13.74 15.01 -6.63
C ALA A 198 -13.99 13.77 -5.78
N ILE A 199 -13.31 12.68 -6.13
CA ILE A 199 -13.46 11.42 -5.41
C ILE A 199 -12.62 11.40 -4.14
N GLN A 200 -11.41 11.96 -4.24
CA GLN A 200 -10.52 12.01 -3.08
C GLN A 200 -11.07 12.98 -2.03
N ASP A 201 -11.69 14.05 -2.49
CA ASP A 201 -12.29 15.03 -1.59
C ASP A 201 -13.44 14.40 -0.82
N ARG A 202 -14.23 13.60 -1.52
CA ARG A 202 -15.39 12.95 -0.91
C ARG A 202 -14.92 11.95 0.15
N LEU A 203 -13.84 11.26 -0.14
CA LEU A 203 -13.24 10.32 0.82
C LEU A 203 -12.57 11.09 1.95
N SER A 204 -11.80 12.10 1.58
CA SER A 204 -11.06 12.89 2.56
C SER A 204 -12.03 13.53 3.55
N ASN A 205 -13.03 14.22 3.03
CA ASN A 205 -14.03 14.88 3.86
C ASN A 205 -14.80 13.87 4.70
N THR A 206 -14.72 12.61 4.33
CA THR A 206 -15.31 11.54 5.12
C THR A 206 -14.40 11.21 6.30
N LEU A 207 -13.09 11.22 6.06
CA LEU A 207 -12.12 10.94 7.10
C LEU A 207 -12.14 12.05 8.16
N GLN A 208 -12.18 13.29 7.70
CA GLN A 208 -12.19 14.43 8.60
C GLN A 208 -13.37 14.35 9.56
N THR A 209 -14.55 14.08 8.99
CA THR A 209 -15.78 14.04 9.78
C THR A 209 -15.78 12.87 10.76
N TYR A 210 -15.18 11.76 10.34
CA TYR A 210 -15.13 10.56 11.17
C TYR A 210 -14.27 10.81 12.42
N ILE A 211 -13.13 11.45 12.23
CA ILE A 211 -12.21 11.72 13.33
C ILE A 211 -12.88 12.61 14.38
N ARG A 212 -13.74 13.52 13.92
CA ARG A 212 -14.45 14.41 14.82
C ARG A 212 -15.44 13.62 15.68
N CYS A 213 -16.31 12.87 15.02
CA CYS A 213 -17.40 12.18 15.71
C CYS A 213 -16.98 10.89 16.37
N ARG A 214 -16.22 10.07 15.64
CA ARG A 214 -15.96 8.70 16.05
C ARG A 214 -14.66 8.54 16.85
N HIS A 215 -13.68 9.41 16.59
CA HIS A 215 -12.39 9.32 17.26
C HIS A 215 -12.29 10.34 18.38
N PRO A 216 -12.40 9.90 19.64
CA PRO A 216 -12.32 10.79 20.81
C PRO A 216 -10.89 11.18 21.17
N PRO A 217 -10.72 12.30 21.90
CA PRO A 217 -9.41 12.79 22.30
C PRO A 217 -8.81 11.91 23.40
N PRO A 218 -7.49 12.01 23.62
CA PRO A 218 -6.55 12.89 22.92
C PRO A 218 -6.16 12.39 21.54
N GLY A 219 -6.44 11.11 21.27
CA GLY A 219 -5.98 10.49 20.05
C GLY A 219 -6.51 11.13 18.77
N SER A 220 -7.45 12.05 18.92
CA SER A 220 -8.07 12.71 17.77
C SER A 220 -7.33 14.00 17.42
N HIS A 221 -6.43 14.41 18.31
CA HIS A 221 -5.71 15.68 18.14
C HIS A 221 -4.86 15.70 16.87
N GLN A 222 -5.22 16.58 15.95
CA GLN A 222 -4.49 16.74 14.69
C GLN A 222 -4.38 15.44 13.93
N LEU A 223 -5.22 14.47 14.29
CA LEU A 223 -5.12 13.14 13.72
C LEU A 223 -5.12 13.17 12.19
N TYR A 224 -5.95 14.06 11.63
CA TYR A 224 -6.06 14.15 10.18
C TYR A 224 -4.77 14.70 9.57
N ALA A 225 -4.27 15.79 10.13
CA ALA A 225 -3.06 16.42 9.63
C ALA A 225 -1.90 15.44 9.65
N LYS A 226 -1.90 14.56 10.65
CA LYS A 226 -0.84 13.59 10.81
C LYS A 226 -0.96 12.46 9.78
N MET A 227 -2.19 12.14 9.38
CA MET A 227 -2.43 11.11 8.39
C MET A 227 -2.02 11.59 7.01
N ILE A 228 -2.34 12.85 6.71
CA ILE A 228 -1.98 13.45 5.44
C ILE A 228 -0.47 13.55 5.32
N GLN A 229 0.19 13.83 6.44
CA GLN A 229 1.64 13.93 6.47
C GLN A 229 2.30 12.60 6.11
N LYS A 230 1.60 11.50 6.41
CA LYS A 230 2.11 10.17 6.12
C LYS A 230 2.04 9.88 4.63
N LEU A 231 1.09 10.51 3.94
CA LEU A 231 1.01 10.41 2.48
C LEU A 231 2.15 11.19 1.83
N ALA A 232 2.64 12.20 2.54
CA ALA A 232 3.79 12.97 2.07
C ALA A 232 5.08 12.17 2.26
N ASP A 233 5.10 11.31 3.27
CA ASP A 233 6.24 10.45 3.52
C ASP A 233 6.29 9.34 2.48
N LEU A 234 5.13 8.85 2.09
CA LEU A 234 5.02 7.78 1.10
C LEU A 234 5.50 8.24 -0.27
N ARG A 235 5.21 9.51 -0.60
CA ARG A 235 5.71 10.10 -1.83
C ARG A 235 7.24 10.06 -1.83
N SER A 236 7.82 10.19 -0.64
CA SER A 236 9.27 10.14 -0.49
C SER A 236 9.78 8.71 -0.58
N LEU A 237 9.13 7.81 0.15
CA LEU A 237 9.52 6.40 0.12
C LEU A 237 9.36 5.83 -1.29
N ASN A 238 8.34 6.29 -1.99
CA ASN A 238 8.07 5.83 -3.35
C ASN A 238 9.15 6.32 -4.29
N GLU A 239 9.59 7.56 -4.08
CA GLU A 239 10.57 8.19 -4.95
C GLU A 239 11.94 7.54 -4.82
N GLU A 240 12.27 7.12 -3.61
CA GLU A 240 13.54 6.44 -3.36
C GLU A 240 13.43 4.97 -3.74
N HIS A 241 12.19 4.48 -3.85
CA HIS A 241 11.94 3.09 -4.22
C HIS A 241 12.10 2.90 -5.72
N SER A 242 11.25 3.57 -6.50
CA SER A 242 11.29 3.46 -7.95
C SER A 242 12.68 3.77 -8.47
N LYS A 243 13.48 4.44 -7.64
CA LYS A 243 14.85 4.75 -7.98
C LYS A 243 15.76 3.56 -7.65
N GLN A 244 15.68 3.09 -6.41
CA GLN A 244 16.50 1.98 -5.95
C GLN A 244 16.07 0.68 -6.60
N TYR A 245 14.92 0.72 -7.29
CA TYR A 245 14.41 -0.43 -8.01
C TYR A 245 15.04 -0.53 -9.40
N ARG A 246 15.20 0.62 -10.05
CA ARG A 246 15.80 0.66 -11.38
C ARG A 246 17.22 0.12 -11.36
N SER A 247 17.88 0.25 -10.21
CA SER A 247 19.23 -0.27 -10.04
C SER A 247 19.18 -1.74 -9.64
N LEU A 248 18.06 -2.15 -9.06
CA LEU A 248 17.85 -3.55 -8.71
C LEU A 248 17.38 -4.34 -9.92
N SER A 249 16.89 -3.63 -10.93
CA SER A 249 16.36 -4.25 -12.14
C SER A 249 17.34 -4.18 -13.30
N PHE A 250 18.38 -3.37 -13.16
CA PHE A 250 19.39 -3.23 -14.20
C PHE A 250 20.03 -4.59 -14.52
N GLN A 251 20.16 -5.42 -13.49
CA GLN A 251 20.70 -6.76 -13.69
C GLN A 251 19.59 -7.74 -14.05
N PRO A 252 19.57 -8.19 -15.31
CA PRO A 252 18.54 -9.13 -15.77
C PRO A 252 18.44 -10.39 -14.93
N GLU A 253 19.43 -10.60 -14.07
CA GLU A 253 19.45 -11.77 -13.20
C GLU A 253 18.58 -11.55 -11.97
N ASN A 254 18.45 -10.29 -11.56
CA ASN A 254 17.56 -9.93 -10.46
C ASN A 254 16.13 -9.79 -10.96
N SER A 255 15.97 -9.07 -12.07
CA SER A 255 14.66 -8.90 -12.70
C SER A 255 14.15 -10.24 -13.21
N MET A 256 14.95 -11.28 -13.02
CA MET A 256 14.58 -12.63 -13.44
C MET A 256 13.96 -13.37 -12.26
N LYS A 257 14.13 -12.81 -11.07
CA LYS A 257 13.61 -13.42 -9.85
C LYS A 257 12.22 -12.87 -9.54
N LEU A 258 11.90 -11.73 -10.13
CA LEU A 258 10.61 -11.07 -9.89
C LEU A 258 9.48 -11.80 -10.60
N THR A 259 8.26 -11.27 -10.45
CA THR A 259 7.10 -11.83 -11.13
C THR A 259 6.68 -10.89 -12.27
N PRO A 260 5.96 -11.44 -13.27
CA PRO A 260 5.50 -10.64 -14.41
C PRO A 260 4.69 -9.41 -13.99
N LEU A 261 3.99 -9.54 -12.88
CA LEU A 261 3.17 -8.45 -12.36
C LEU A 261 4.05 -7.33 -11.81
N VAL A 262 5.01 -7.71 -10.98
CA VAL A 262 5.93 -6.75 -10.39
C VAL A 262 6.67 -5.95 -11.47
N LEU A 263 7.05 -6.64 -12.55
CA LEU A 263 7.76 -6.01 -13.64
C LEU A 263 6.84 -5.05 -14.39
N GLU A 264 5.64 -5.52 -14.70
CA GLU A 264 4.68 -4.75 -15.48
C GLU A 264 4.20 -3.51 -14.74
N VAL A 265 4.16 -3.59 -13.42
CA VAL A 265 3.61 -2.51 -12.60
C VAL A 265 4.67 -1.49 -12.19
N PHE A 266 5.86 -1.97 -11.85
CA PHE A 266 6.94 -1.09 -11.42
C PHE A 266 7.86 -0.72 -12.58
N GLY A 267 7.30 -0.70 -13.79
CA GLY A 267 8.07 -0.31 -14.96
C GLY A 267 9.01 -1.39 -15.46
N ASN A 268 9.26 -1.38 -16.77
CA ASN A 268 10.14 -2.36 -17.38
C ASN A 268 11.37 -1.71 -18.01
N LYS B 1 -0.53 2.43 -19.87
CA LYS B 1 -0.32 2.15 -21.31
C LYS B 1 0.40 0.82 -21.52
N ASN B 2 -0.25 -0.09 -22.23
CA ASN B 2 0.32 -1.40 -22.52
C ASN B 2 0.52 -2.23 -21.25
N HIS B 3 -0.54 -2.36 -20.46
CA HIS B 3 -0.52 -3.21 -19.29
C HIS B 3 -1.54 -4.35 -19.43
N PRO B 4 -1.08 -5.50 -19.93
CA PRO B 4 -1.95 -6.67 -20.12
C PRO B 4 -2.61 -7.16 -18.83
N MET B 5 -1.79 -7.35 -17.80
CA MET B 5 -2.24 -8.01 -16.57
C MET B 5 -2.83 -7.02 -15.56
N LEU B 6 -2.30 -5.81 -15.55
CA LEU B 6 -2.77 -4.78 -14.62
C LEU B 6 -4.19 -4.35 -14.97
N MET B 7 -4.51 -4.38 -16.26
CA MET B 7 -5.83 -3.95 -16.71
C MET B 7 -6.84 -5.08 -16.61
N ASN B 8 -6.34 -6.31 -16.66
CA ASN B 8 -7.21 -7.49 -16.56
C ASN B 8 -7.72 -7.64 -15.13
N LEU B 9 -6.99 -7.08 -14.17
CA LEU B 9 -7.37 -7.15 -12.77
C LEU B 9 -8.28 -6.00 -12.39
N LEU B 10 -8.42 -5.03 -13.29
CA LEU B 10 -9.28 -3.88 -13.06
C LEU B 10 -10.68 -4.11 -13.61
N LYS B 11 -10.76 -4.69 -14.80
CA LYS B 11 -12.04 -4.95 -15.44
C LYS B 11 -12.78 -6.10 -14.75
C31 JB1 C . 10.22 1.48 0.38
C30 JB1 C . 11.00 0.27 0.88
C29 JB1 C . 11.54 -0.56 -0.28
C28 JB1 C . 11.53 -2.06 0.04
C22 JB1 C . 10.17 -2.77 -0.25
C23 JB1 C . 9.76 -2.68 -1.76
C24 JB1 C . 10.51 -3.44 -2.88
O03 JB1 C . 9.79 -3.44 -4.11
C20 JB1 C . 10.10 -4.28 0.22
C21 JB1 C . 11.47 -5.00 0.39
C17 JB1 C . 9.21 -4.33 1.55
C16 JB1 C . 7.93 -3.41 1.38
C15 JB1 C . 6.84 -3.94 2.31
C14 JB1 C . 7.68 -4.91 3.13
C13 JB1 C . 8.59 -5.66 2.12
C18 JB1 C . 7.92 -6.54 0.97
C12 JB1 C . 9.57 -6.56 2.96
C11 JB1 C . 8.85 -7.63 3.86
C09 JB1 C . 7.71 -7.03 4.73
C08 JB1 C . 6.85 -5.95 3.98
C07 JB1 C . 5.45 -5.96 4.06
C06 JB1 C . 4.64 -6.88 4.78
C05 JB1 C . 3.37 -7.42 4.37
C04 JB1 C . 2.62 -8.42 5.29
C03 JB1 C . 1.12 -8.05 5.48
O02 JB1 C . 1.01 -6.87 6.29
C02 JB1 C . 0.43 -7.80 4.11
C01 JB1 C . 1.18 -6.74 3.24
O01 JB1 C . 0.59 -6.68 1.95
C10 JB1 C . 2.70 -7.10 3.14
C19 JB1 C . 3.29 -7.15 1.85
#